data_4EC0
#
_entry.id   4EC0
#
_cell.length_a   48.74
_cell.length_b   77.706
_cell.length_c   52.449
_cell.angle_alpha   90
_cell.angle_beta   91.561
_cell.angle_gamma   90
#
_symmetry.space_group_name_H-M   'P 1 21 1'
#
loop_
_entity.id
_entity.type
_entity.pdbx_description
1 polymer 'Hematopoietic prostaglandin D synthase'
2 non-polymer GLUTATHIONE
3 non-polymer 'MAGNESIUM ION'
4 non-polymer 4-[2-(aminomethyl)naphthalen-1-yl]-N-[2-(morpholin-4-yl)ethyl]benzamide
5 water water
#
_entity_poly.entity_id   1
_entity_poly.type   'polypeptide(L)'
_entity_poly.pdbx_seq_one_letter_code
;HMPNYKLTYFNMRGRAEIIRYIFAYLDIQYEDHRIEQADWPEIKSTLPFGKIPILEVDGLTLHQSLAIARYLTKNTDLAG
NTEMEQCHVDAIVDTLDDFMSCFPWAEKKQDVKEQMFNELLTYNAPHLMQDLDTYLGGREWLIGNSVTWADFYWEICSTT
LLVFKPDLLDNHPRLVTLRKKVQAIPAVANWIKRRPQTKL
;
_entity_poly.pdbx_strand_id   A,B
#
loop_
_chem_comp.id
_chem_comp.type
_chem_comp.name
_chem_comp.formula
7PQ non-polymer 4-[2-(aminomethyl)naphthalen-1-yl]-N-[2-(morpholin-4-yl)ethyl]benzamide 'C24 H27 N3 O2'
GSH non-polymer GLUTATHIONE 'C10 H17 N3 O6 S'
MG non-polymer 'MAGNESIUM ION' 'Mg 2'
#
# COMPACT_ATOMS: atom_id res chain seq x y z
N MET A 2 26.01 -12.87 -1.15
CA MET A 2 24.67 -12.27 -0.96
C MET A 2 24.51 -11.81 0.49
N PRO A 3 23.52 -10.95 0.77
CA PRO A 3 23.35 -10.50 2.16
C PRO A 3 22.71 -11.61 3.02
N ASN A 4 22.90 -11.51 4.33
CA ASN A 4 22.31 -12.48 5.24
C ASN A 4 20.89 -11.98 5.52
N TYR A 5 19.90 -12.69 4.98
CA TYR A 5 18.50 -12.34 5.12
C TYR A 5 17.75 -13.18 6.13
N LYS A 6 17.01 -12.52 7.03
CA LYS A 6 16.20 -13.23 8.03
C LYS A 6 14.78 -12.62 8.03
N LEU A 7 13.84 -13.40 7.53
CA LEU A 7 12.44 -13.01 7.47
C LEU A 7 11.70 -13.47 8.73
N THR A 8 10.99 -12.56 9.39
CA THR A 8 10.24 -12.94 10.59
C THR A 8 8.75 -12.73 10.38
N TYR A 9 7.96 -13.77 10.62
CA TYR A 9 6.51 -13.65 10.48
C TYR A 9 5.89 -14.85 11.19
N PHE A 10 4.56 -14.88 11.24
CA PHE A 10 3.83 -15.98 11.84
C PHE A 10 4.01 -17.18 10.93
N ASN A 11 3.66 -18.35 11.45
CA ASN A 11 3.71 -19.59 10.68
C ASN A 11 2.44 -19.61 9.84
N MET A 12 2.46 -18.89 8.73
CA MET A 12 1.34 -18.82 7.79
C MET A 12 1.89 -18.17 6.54
N ARG A 13 1.16 -18.29 5.44
CA ARG A 13 1.59 -17.66 4.18
C ARG A 13 1.38 -16.17 4.44
N GLY A 14 0.11 -15.78 4.61
CA GLY A 14 -0.22 -14.41 4.92
C GLY A 14 0.54 -13.34 4.18
N ARG A 15 0.96 -12.31 4.91
CA ARG A 15 1.66 -11.18 4.32
C ARG A 15 3.12 -11.37 4.01
N ALA A 16 3.73 -12.46 4.48
CA ALA A 16 5.14 -12.73 4.20
C ALA A 16 5.35 -13.52 2.89
N GLU A 17 4.30 -14.20 2.45
CA GLU A 17 4.39 -15.08 1.29
C GLU A 17 4.92 -14.44 0.03
N ILE A 18 4.56 -13.18 -0.23
CA ILE A 18 5.05 -12.54 -1.45
C ILE A 18 6.58 -12.45 -1.38
N ILE A 19 7.10 -12.18 -0.19
CA ILE A 19 8.55 -12.10 -0.02
C ILE A 19 9.14 -13.49 -0.25
N ARG A 20 8.51 -14.51 0.34
CA ARG A 20 8.97 -15.88 0.18
C ARG A 20 8.99 -16.33 -1.29
N TYR A 21 7.98 -15.95 -2.08
CA TYR A 21 7.97 -16.33 -3.50
C TYR A 21 9.14 -15.68 -4.24
N ILE A 22 9.39 -14.42 -3.91
CA ILE A 22 10.44 -13.66 -4.56
C ILE A 22 11.80 -14.26 -4.28
N PHE A 23 12.08 -14.56 -3.01
CA PHE A 23 13.35 -15.19 -2.66
C PHE A 23 13.50 -16.52 -3.44
N ALA A 24 12.42 -17.29 -3.53
CA ALA A 24 12.47 -18.57 -4.22
C ALA A 24 12.78 -18.36 -5.70
N TYR A 25 11.99 -17.51 -6.33
CA TYR A 25 12.17 -17.23 -7.75
C TYR A 25 13.57 -16.72 -8.08
N LEU A 26 14.13 -15.91 -7.19
CA LEU A 26 15.48 -15.36 -7.40
C LEU A 26 16.59 -16.27 -6.87
N ASP A 27 16.22 -17.40 -6.29
CA ASP A 27 17.19 -18.35 -5.74
C ASP A 27 18.11 -17.67 -4.74
N ILE A 28 17.52 -16.90 -3.83
CA ILE A 28 18.25 -16.18 -2.80
C ILE A 28 18.00 -16.89 -1.47
N GLN A 29 19.08 -17.29 -0.79
CA GLN A 29 18.97 -17.97 0.49
C GLN A 29 18.55 -17.00 1.58
N TYR A 30 17.68 -17.47 2.46
CA TYR A 30 17.22 -16.63 3.57
C TYR A 30 16.73 -17.52 4.71
N GLU A 31 16.73 -16.96 5.92
CA GLU A 31 16.24 -17.68 7.08
C GLU A 31 14.75 -17.38 7.17
N ASP A 32 13.93 -18.42 7.03
CA ASP A 32 12.47 -18.25 7.11
C ASP A 32 12.05 -18.45 8.57
N HIS A 33 12.08 -17.37 9.35
CA HIS A 33 11.75 -17.44 10.76
C HIS A 33 10.27 -17.27 11.11
N ARG A 34 9.67 -18.34 11.61
CA ARG A 34 8.27 -18.33 11.98
C ARG A 34 8.24 -18.32 13.51
N ILE A 35 7.58 -17.30 14.05
CA ILE A 35 7.53 -17.14 15.49
C ILE A 35 6.48 -17.98 16.19
N GLU A 36 6.55 -18.02 17.51
CA GLU A 36 5.60 -18.80 18.29
C GLU A 36 4.51 -17.90 18.85
N GLN A 37 3.25 -18.29 18.64
CA GLN A 37 2.12 -17.52 19.15
C GLN A 37 2.36 -17.23 20.64
N ALA A 38 3.26 -17.99 21.24
CA ALA A 38 3.60 -17.82 22.64
C ALA A 38 4.42 -16.56 22.87
N ASP A 39 5.49 -16.42 22.11
CA ASP A 39 6.36 -15.26 22.25
C ASP A 39 5.91 -14.05 21.45
N TRP A 40 4.67 -14.07 20.97
CA TRP A 40 4.16 -12.94 20.21
C TRP A 40 4.04 -11.66 21.04
N PRO A 41 3.26 -11.71 22.14
CA PRO A 41 3.11 -10.48 22.95
C PRO A 41 4.46 -9.95 23.46
N GLU A 42 5.48 -10.80 23.41
CA GLU A 42 6.81 -10.41 23.87
C GLU A 42 7.67 -9.80 22.77
N ILE A 43 7.85 -10.55 21.68
CA ILE A 43 8.66 -10.12 20.55
C ILE A 43 8.11 -8.85 19.88
N LYS A 44 6.81 -8.63 20.06
CA LYS A 44 6.17 -7.46 19.48
C LYS A 44 6.90 -6.16 19.80
N SER A 45 7.28 -5.99 21.06
CA SER A 45 7.96 -4.77 21.50
C SER A 45 9.32 -4.51 20.87
N THR A 46 9.74 -5.32 19.91
CA THR A 46 11.02 -5.09 19.26
C THR A 46 10.82 -4.46 17.86
N LEU A 47 9.77 -4.88 17.18
CA LEU A 47 9.42 -4.42 15.83
C LEU A 47 9.31 -2.88 15.69
N PRO A 48 9.75 -2.33 14.56
CA PRO A 48 9.71 -0.88 14.30
C PRO A 48 8.36 -0.25 14.56
N PHE A 49 7.31 -0.92 14.09
CA PHE A 49 5.95 -0.42 14.24
C PHE A 49 5.03 -1.47 14.83
N GLY A 50 5.62 -2.39 15.60
CA GLY A 50 4.85 -3.46 16.22
C GLY A 50 4.18 -4.42 15.25
N LYS A 51 4.66 -4.47 14.02
CA LYS A 51 4.08 -5.34 13.02
C LYS A 51 5.08 -6.25 12.34
N ILE A 52 4.57 -7.35 11.80
CA ILE A 52 5.39 -8.27 11.04
C ILE A 52 4.65 -8.41 9.71
N PRO A 53 5.32 -8.84 8.64
CA PRO A 53 6.74 -9.22 8.64
C PRO A 53 7.75 -8.11 8.69
N ILE A 54 8.97 -8.51 9.02
CA ILE A 54 10.11 -7.61 9.00
C ILE A 54 11.16 -8.44 8.31
N LEU A 55 12.14 -7.79 7.70
CA LEU A 55 13.21 -8.50 7.04
C LEU A 55 14.50 -7.90 7.52
N GLU A 56 15.33 -8.74 8.10
CA GLU A 56 16.64 -8.29 8.59
C GLU A 56 17.66 -8.59 7.51
N VAL A 57 18.46 -7.57 7.21
CA VAL A 57 19.46 -7.65 6.15
C VAL A 57 20.78 -7.16 6.71
N ASP A 58 21.63 -8.09 7.11
CA ASP A 58 22.93 -7.72 7.67
C ASP A 58 22.82 -6.73 8.84
N GLY A 59 22.00 -7.05 9.82
CA GLY A 59 21.91 -6.16 10.98
C GLY A 59 20.98 -4.97 10.86
N LEU A 60 20.37 -4.80 9.69
CA LEU A 60 19.45 -3.70 9.47
C LEU A 60 18.05 -4.26 9.30
N THR A 61 17.06 -3.62 9.95
CA THR A 61 15.68 -4.09 9.85
C THR A 61 14.85 -3.29 8.86
N LEU A 62 14.03 -4.01 8.12
CA LEU A 62 13.12 -3.42 7.13
C LEU A 62 11.76 -3.98 7.48
N HIS A 63 10.70 -3.22 7.21
CA HIS A 63 9.36 -3.65 7.50
C HIS A 63 8.46 -3.29 6.31
N GLN A 64 7.21 -3.74 6.39
CA GLN A 64 6.17 -3.54 5.37
C GLN A 64 6.41 -4.51 4.21
N SER A 65 5.58 -5.55 4.14
CA SER A 65 5.73 -6.59 3.15
C SER A 65 5.91 -6.16 1.70
N LEU A 66 5.08 -5.25 1.20
CA LEU A 66 5.19 -4.82 -0.20
C LEU A 66 6.39 -3.89 -0.43
N ALA A 67 6.75 -3.12 0.59
CA ALA A 67 7.92 -2.24 0.47
C ALA A 67 9.16 -3.14 0.29
N ILE A 68 9.21 -4.20 1.06
CA ILE A 68 10.31 -5.18 1.02
C ILE A 68 10.27 -5.93 -0.31
N ALA A 69 9.07 -6.36 -0.72
CA ALA A 69 8.95 -7.10 -1.97
C ALA A 69 9.43 -6.25 -3.15
N ARG A 70 9.05 -4.97 -3.16
CA ARG A 70 9.46 -4.07 -4.24
C ARG A 70 10.98 -3.91 -4.22
N TYR A 71 11.55 -3.78 -3.03
CA TYR A 71 12.99 -3.62 -2.87
C TYR A 71 13.76 -4.84 -3.43
N LEU A 72 13.28 -6.02 -3.07
CA LEU A 72 13.92 -7.25 -3.53
C LEU A 72 13.80 -7.50 -5.02
N THR A 73 12.77 -6.95 -5.65
CA THR A 73 12.59 -7.14 -7.08
C THR A 73 13.18 -6.04 -7.96
N LYS A 74 13.68 -4.96 -7.34
CA LYS A 74 14.28 -3.87 -8.11
C LYS A 74 15.44 -4.43 -8.93
N ASN A 75 15.57 -3.98 -10.18
CA ASN A 75 16.66 -4.46 -11.01
C ASN A 75 16.61 -5.96 -11.31
N THR A 76 15.43 -6.59 -11.18
CA THR A 76 15.29 -8.01 -11.49
C THR A 76 14.21 -8.18 -12.56
N ASP A 77 14.08 -9.38 -13.09
CA ASP A 77 13.10 -9.61 -14.13
C ASP A 77 11.65 -9.64 -13.60
N LEU A 78 11.48 -9.57 -12.28
CA LEU A 78 10.13 -9.56 -11.70
C LEU A 78 9.58 -8.15 -11.64
N ALA A 79 10.45 -7.17 -11.86
CA ALA A 79 10.02 -5.78 -11.83
C ALA A 79 9.43 -5.45 -13.20
N GLY A 80 8.65 -4.38 -13.27
CA GLY A 80 8.11 -3.97 -14.56
C GLY A 80 9.29 -3.61 -15.46
N ASN A 81 9.07 -3.65 -16.78
CA ASN A 81 10.12 -3.38 -17.75
C ASN A 81 10.25 -1.91 -18.13
N THR A 82 9.27 -1.11 -17.75
CA THR A 82 9.33 0.32 -17.99
C THR A 82 8.84 0.98 -16.72
N GLU A 83 9.11 2.27 -16.55
CA GLU A 83 8.68 2.96 -15.36
C GLU A 83 7.17 2.90 -15.25
N MET A 84 6.52 2.93 -16.39
CA MET A 84 5.08 2.87 -16.47
C MET A 84 4.56 1.48 -16.06
N GLU A 85 5.26 0.43 -16.49
CA GLU A 85 4.82 -0.91 -16.16
C GLU A 85 4.98 -1.08 -14.65
N GLN A 86 6.04 -0.47 -14.11
CA GLN A 86 6.32 -0.54 -12.68
C GLN A 86 5.15 0.08 -11.93
N CYS A 87 4.55 1.13 -12.50
CA CYS A 87 3.42 1.78 -11.84
C CYS A 87 2.23 0.82 -11.88
N HIS A 88 2.06 0.13 -13.02
CA HIS A 88 0.94 -0.80 -13.15
C HIS A 88 1.12 -1.93 -12.15
N VAL A 89 2.36 -2.38 -11.98
CA VAL A 89 2.63 -3.46 -11.04
C VAL A 89 2.23 -3.01 -9.63
N ASP A 90 2.71 -1.82 -9.22
CA ASP A 90 2.38 -1.29 -7.90
C ASP A 90 0.88 -1.10 -7.69
N ALA A 91 0.18 -0.64 -8.73
CA ALA A 91 -1.25 -0.40 -8.60
C ALA A 91 -2.06 -1.67 -8.43
N ILE A 92 -1.74 -2.70 -9.21
CA ILE A 92 -2.45 -3.98 -9.08
C ILE A 92 -2.19 -4.55 -7.68
N VAL A 93 -0.93 -4.46 -7.25
CA VAL A 93 -0.63 -4.99 -5.93
C VAL A 93 -1.38 -4.22 -4.84
N ASP A 94 -1.47 -2.89 -4.92
CA ASP A 94 -2.20 -2.17 -3.89
C ASP A 94 -3.70 -2.45 -3.97
N THR A 95 -4.23 -2.69 -5.17
CA THR A 95 -5.66 -2.99 -5.31
C THR A 95 -5.94 -4.34 -4.61
N LEU A 96 -5.07 -5.31 -4.82
CA LEU A 96 -5.23 -6.60 -4.16
C LEU A 96 -5.08 -6.46 -2.65
N ASP A 97 -4.05 -5.74 -2.21
CA ASP A 97 -3.79 -5.55 -0.78
C ASP A 97 -4.90 -4.79 -0.07
N ASP A 98 -5.44 -3.78 -0.74
CA ASP A 98 -6.54 -3.01 -0.19
C ASP A 98 -7.70 -3.94 0.14
N PHE A 99 -8.01 -4.84 -0.78
CA PHE A 99 -9.13 -5.76 -0.56
C PHE A 99 -8.85 -6.78 0.55
N MET A 100 -7.68 -7.40 0.52
CA MET A 100 -7.38 -8.37 1.56
C MET A 100 -7.35 -7.69 2.93
N SER A 101 -6.90 -6.43 2.96
CA SER A 101 -6.81 -5.70 4.23
C SER A 101 -8.19 -5.37 4.80
N CYS A 102 -9.23 -5.46 3.96
CA CYS A 102 -10.58 -5.16 4.41
C CYS A 102 -11.12 -6.25 5.33
N PHE A 103 -10.58 -7.45 5.24
CA PHE A 103 -11.05 -8.56 6.07
C PHE A 103 -10.67 -8.40 7.55
N PRO A 104 -11.63 -8.60 8.46
CA PRO A 104 -11.34 -8.47 9.90
C PRO A 104 -10.72 -9.75 10.44
N TRP A 105 -9.54 -10.08 9.94
CA TRP A 105 -8.83 -11.29 10.35
C TRP A 105 -8.69 -11.43 11.87
N ALA A 106 -8.69 -10.29 12.56
CA ALA A 106 -8.51 -10.28 14.01
C ALA A 106 -9.80 -10.17 14.82
N GLU A 107 -10.91 -9.91 14.15
CA GLU A 107 -12.19 -9.79 14.85
C GLU A 107 -12.42 -10.98 15.79
N LYS A 108 -12.58 -10.69 17.07
CA LYS A 108 -12.81 -11.73 18.06
C LYS A 108 -14.29 -12.10 18.13
N LYS A 109 -15.15 -11.15 17.78
CA LYS A 109 -16.61 -11.38 17.77
C LYS A 109 -16.91 -12.26 16.56
N GLN A 110 -17.22 -13.53 16.80
CA GLN A 110 -17.47 -14.46 15.71
C GLN A 110 -18.62 -14.19 14.75
N ASP A 111 -19.76 -13.73 15.26
CA ASP A 111 -20.89 -13.45 14.36
C ASP A 111 -20.58 -12.24 13.50
N VAL A 112 -19.94 -11.25 14.10
CA VAL A 112 -19.56 -10.04 13.39
C VAL A 112 -18.55 -10.37 12.30
N LYS A 113 -17.53 -11.14 12.67
CA LYS A 113 -16.47 -11.55 11.75
C LYS A 113 -17.05 -12.29 10.57
N GLU A 114 -17.94 -13.23 10.87
CA GLU A 114 -18.59 -14.03 9.84
C GLU A 114 -19.48 -13.21 8.92
N GLN A 115 -20.15 -12.21 9.47
CA GLN A 115 -21.01 -11.35 8.64
C GLN A 115 -20.13 -10.58 7.64
N MET A 116 -19.07 -9.96 8.15
CA MET A 116 -18.14 -9.18 7.34
C MET A 116 -17.42 -10.03 6.27
N PHE A 117 -16.97 -11.22 6.63
CA PHE A 117 -16.30 -12.10 5.67
C PHE A 117 -17.27 -12.43 4.56
N ASN A 118 -18.47 -12.85 4.94
CA ASN A 118 -19.45 -13.20 3.94
C ASN A 118 -19.79 -12.02 3.04
N GLU A 119 -19.99 -10.86 3.63
CA GLU A 119 -20.30 -9.67 2.84
C GLU A 119 -19.21 -9.39 1.81
N LEU A 120 -17.96 -9.37 2.24
CA LEU A 120 -16.85 -9.09 1.33
C LEU A 120 -16.69 -10.11 0.21
N LEU A 121 -16.88 -11.39 0.53
CA LEU A 121 -16.73 -12.47 -0.43
C LEU A 121 -17.87 -12.64 -1.42
N THR A 122 -19.10 -12.38 -0.96
CA THR A 122 -20.25 -12.57 -1.84
C THR A 122 -20.61 -11.33 -2.62
N TYR A 123 -20.30 -10.15 -2.06
CA TYR A 123 -20.64 -8.90 -2.71
C TYR A 123 -19.47 -8.15 -3.38
N ASN A 124 -18.44 -7.82 -2.61
CA ASN A 124 -17.30 -7.08 -3.17
C ASN A 124 -16.33 -7.94 -4.00
N ALA A 125 -16.00 -9.13 -3.51
CA ALA A 125 -15.03 -9.99 -4.23
C ALA A 125 -15.34 -10.22 -5.71
N PRO A 126 -16.59 -10.59 -6.05
CA PRO A 126 -16.89 -10.80 -7.48
C PRO A 126 -16.61 -9.58 -8.37
N HIS A 127 -16.84 -8.39 -7.84
CA HIS A 127 -16.58 -7.18 -8.62
C HIS A 127 -15.09 -7.07 -8.89
N LEU A 128 -14.28 -7.35 -7.87
CA LEU A 128 -12.84 -7.27 -8.06
C LEU A 128 -12.39 -8.33 -9.06
N MET A 129 -12.94 -9.55 -8.97
CA MET A 129 -12.53 -10.59 -9.92
C MET A 129 -12.83 -10.12 -11.34
N GLN A 130 -14.01 -9.53 -11.53
CA GLN A 130 -14.43 -8.99 -12.84
C GLN A 130 -13.44 -7.95 -13.35
N ASP A 131 -13.13 -6.97 -12.50
CA ASP A 131 -12.19 -5.90 -12.86
C ASP A 131 -10.81 -6.46 -13.20
N LEU A 132 -10.33 -7.43 -12.41
CA LEU A 132 -9.02 -8.02 -12.69
C LEU A 132 -9.05 -8.80 -14.01
N ASP A 133 -10.11 -9.56 -14.24
CA ASP A 133 -10.23 -10.35 -15.47
C ASP A 133 -10.23 -9.43 -16.70
N THR A 134 -11.01 -8.35 -16.63
CA THR A 134 -11.05 -7.40 -17.73
C THR A 134 -9.67 -6.74 -17.90
N TYR A 135 -9.01 -6.42 -16.80
CA TYR A 135 -7.68 -5.80 -16.86
C TYR A 135 -6.68 -6.70 -17.56
N LEU A 136 -6.73 -7.99 -17.24
CA LEU A 136 -5.83 -8.98 -17.83
C LEU A 136 -6.17 -9.18 -19.32
N GLY A 137 -7.46 -9.26 -19.63
CA GLY A 137 -7.86 -9.46 -21.01
C GLY A 137 -7.29 -10.79 -21.45
N GLY A 138 -6.86 -10.87 -22.70
CA GLY A 138 -6.31 -12.14 -23.17
C GLY A 138 -4.80 -12.15 -23.12
N ARG A 139 -4.20 -11.27 -22.33
CA ARG A 139 -2.76 -11.19 -22.24
C ARG A 139 -2.20 -12.32 -21.38
N GLU A 140 -0.90 -12.56 -21.55
CA GLU A 140 -0.19 -13.64 -20.85
C GLU A 140 -0.05 -13.44 -19.35
N TRP A 141 0.24 -12.21 -18.96
CA TRP A 141 0.42 -11.87 -17.57
C TRP A 141 -0.27 -10.53 -17.32
N LEU A 142 -0.44 -10.19 -16.05
CA LEU A 142 -1.13 -8.96 -15.71
C LEU A 142 -0.50 -7.71 -16.28
N ILE A 143 0.83 -7.59 -16.19
CA ILE A 143 1.55 -6.43 -16.70
C ILE A 143 2.65 -6.80 -17.70
N GLY A 144 2.67 -6.10 -18.82
CA GLY A 144 3.69 -6.36 -19.82
C GLY A 144 3.57 -7.71 -20.49
N ASN A 145 4.70 -8.22 -20.97
CA ASN A 145 4.68 -9.49 -21.66
C ASN A 145 5.25 -10.65 -20.87
N SER A 146 5.75 -10.40 -19.67
CA SER A 146 6.30 -11.46 -18.84
C SER A 146 5.88 -11.34 -17.37
N VAL A 147 6.11 -12.40 -16.61
CA VAL A 147 5.73 -12.43 -15.21
C VAL A 147 6.35 -11.34 -14.35
N THR A 148 5.57 -10.78 -13.42
CA THR A 148 6.10 -9.78 -12.51
C THR A 148 5.60 -10.19 -11.12
N TRP A 149 6.07 -9.51 -10.08
CA TRP A 149 5.59 -9.88 -8.76
C TRP A 149 4.10 -9.59 -8.56
N ALA A 150 3.45 -8.86 -9.47
CA ALA A 150 2.01 -8.64 -9.32
C ALA A 150 1.29 -9.99 -9.63
N ASP A 151 1.83 -10.77 -10.55
CA ASP A 151 1.22 -12.07 -10.85
C ASP A 151 1.36 -12.97 -9.59
N PHE A 152 2.53 -12.90 -8.95
CA PHE A 152 2.76 -13.66 -7.72
C PHE A 152 1.69 -13.28 -6.70
N TYR A 153 1.53 -11.99 -6.48
CA TYR A 153 0.55 -11.52 -5.50
C TYR A 153 -0.87 -11.95 -5.85
N TRP A 154 -1.22 -11.94 -7.15
CA TRP A 154 -2.54 -12.37 -7.54
C TRP A 154 -2.72 -13.83 -7.12
N GLU A 155 -1.74 -14.67 -7.43
CA GLU A 155 -1.85 -16.10 -7.07
C GLU A 155 -1.92 -16.27 -5.55
N ILE A 156 -1.13 -15.51 -4.82
CA ILE A 156 -1.13 -15.60 -3.35
C ILE A 156 -2.45 -15.16 -2.73
N CYS A 157 -2.94 -13.98 -3.11
CA CYS A 157 -4.20 -13.49 -2.55
C CYS A 157 -5.40 -14.38 -2.94
N SER A 158 -5.47 -14.82 -4.20
CA SER A 158 -6.57 -15.66 -4.64
C SER A 158 -6.56 -17.04 -3.98
N THR A 159 -5.38 -17.57 -3.68
CA THR A 159 -5.28 -18.87 -3.01
C THR A 159 -6.06 -18.75 -1.68
N THR A 160 -5.81 -17.68 -0.95
CA THR A 160 -6.48 -17.49 0.32
C THR A 160 -7.97 -17.20 0.19
N LEU A 161 -8.35 -16.44 -0.83
CA LEU A 161 -9.76 -16.16 -1.02
C LEU A 161 -10.50 -17.45 -1.39
N LEU A 162 -9.85 -18.32 -2.13
CA LEU A 162 -10.47 -19.57 -2.56
C LEU A 162 -10.75 -20.54 -1.39
N VAL A 163 -9.99 -20.39 -0.32
CA VAL A 163 -10.19 -21.19 0.90
C VAL A 163 -11.58 -20.87 1.44
N PHE A 164 -11.95 -19.59 1.45
CA PHE A 164 -13.25 -19.17 1.97
C PHE A 164 -14.38 -19.18 0.96
N LYS A 165 -14.05 -19.11 -0.33
CA LYS A 165 -15.07 -19.11 -1.38
C LYS A 165 -14.53 -19.88 -2.59
N PRO A 166 -14.67 -21.21 -2.57
CA PRO A 166 -14.19 -22.09 -3.65
C PRO A 166 -14.69 -21.79 -5.06
N ASP A 167 -15.90 -21.27 -5.20
CA ASP A 167 -16.47 -20.96 -6.52
C ASP A 167 -16.19 -19.54 -7.01
N LEU A 168 -15.29 -18.84 -6.33
CA LEU A 168 -14.97 -17.46 -6.70
C LEU A 168 -14.56 -17.23 -8.16
N LEU A 169 -13.81 -18.16 -8.72
CA LEU A 169 -13.35 -18.00 -10.11
C LEU A 169 -14.05 -18.84 -11.18
N ASP A 170 -15.27 -19.28 -10.91
CA ASP A 170 -16.03 -20.09 -11.86
C ASP A 170 -16.31 -19.41 -13.20
N ASN A 171 -16.50 -18.10 -13.16
CA ASN A 171 -16.76 -17.35 -14.38
C ASN A 171 -15.51 -16.63 -14.86
N HIS A 172 -14.37 -17.02 -14.29
CA HIS A 172 -13.12 -16.38 -14.65
C HIS A 172 -12.00 -17.37 -14.97
N PRO A 173 -12.17 -18.15 -16.05
CA PRO A 173 -11.16 -19.13 -16.46
C PRO A 173 -9.80 -18.53 -16.72
N ARG A 174 -9.76 -17.31 -17.23
CA ARG A 174 -8.48 -16.68 -17.53
C ARG A 174 -7.69 -16.40 -16.24
N LEU A 175 -8.40 -16.10 -15.16
CA LEU A 175 -7.71 -15.82 -13.89
C LEU A 175 -7.20 -17.15 -13.29
N VAL A 176 -7.90 -18.24 -13.58
CA VAL A 176 -7.51 -19.55 -13.11
C VAL A 176 -6.23 -19.93 -13.86
N THR A 177 -6.23 -19.66 -15.16
CA THR A 177 -5.07 -19.95 -15.97
C THR A 177 -3.85 -19.20 -15.46
N LEU A 178 -4.03 -17.92 -15.11
CA LEU A 178 -2.93 -17.13 -14.60
C LEU A 178 -2.40 -17.76 -13.31
N ARG A 179 -3.32 -18.19 -12.43
CA ARG A 179 -2.88 -18.83 -11.17
C ARG A 179 -1.99 -20.04 -11.48
N LYS A 180 -2.46 -20.87 -12.40
CA LYS A 180 -1.73 -22.05 -12.80
C LYS A 180 -0.38 -21.74 -13.43
N LYS A 181 -0.32 -20.67 -14.23
CA LYS A 181 0.94 -20.28 -14.85
C LYS A 181 1.97 -19.90 -13.77
N VAL A 182 1.51 -19.16 -12.74
CA VAL A 182 2.41 -18.79 -11.66
C VAL A 182 2.88 -20.05 -10.92
N GLN A 183 1.93 -20.94 -10.64
CA GLN A 183 2.24 -22.18 -9.93
C GLN A 183 3.14 -23.13 -10.72
N ALA A 184 3.20 -22.93 -12.04
CA ALA A 184 4.01 -23.76 -12.90
C ALA A 184 5.46 -23.30 -13.09
N ILE A 185 5.79 -22.11 -12.61
CA ILE A 185 7.16 -21.60 -12.70
C ILE A 185 7.92 -22.54 -11.77
N PRO A 186 8.93 -23.25 -12.29
CA PRO A 186 9.73 -24.21 -11.51
C PRO A 186 10.09 -23.84 -10.08
N ALA A 187 10.75 -22.71 -9.89
CA ALA A 187 11.16 -22.28 -8.56
C ALA A 187 9.97 -22.01 -7.66
N VAL A 188 8.87 -21.55 -8.23
CA VAL A 188 7.69 -21.27 -7.43
C VAL A 188 7.03 -22.59 -7.07
N ALA A 189 6.92 -23.48 -8.05
CA ALA A 189 6.32 -24.80 -7.83
C ALA A 189 7.06 -25.54 -6.71
N ASN A 190 8.39 -25.49 -6.74
CA ASN A 190 9.22 -26.16 -5.73
C ASN A 190 8.96 -25.58 -4.35
N TRP A 191 8.79 -24.25 -4.27
CA TRP A 191 8.50 -23.63 -2.98
C TRP A 191 7.12 -24.07 -2.49
N ILE A 192 6.14 -24.07 -3.38
CA ILE A 192 4.80 -24.45 -2.96
C ILE A 192 4.81 -25.89 -2.44
N LYS A 193 5.67 -26.72 -3.04
CA LYS A 193 5.77 -28.10 -2.66
C LYS A 193 6.47 -28.27 -1.30
N ARG A 194 7.43 -27.41 -0.99
CA ARG A 194 8.16 -27.57 0.26
C ARG A 194 7.73 -26.72 1.46
N ARG A 195 6.92 -25.70 1.23
CA ARG A 195 6.51 -24.80 2.32
C ARG A 195 5.58 -25.44 3.35
N PRO A 196 5.54 -24.88 4.56
CA PRO A 196 4.66 -25.42 5.60
C PRO A 196 3.20 -25.31 5.13
N GLN A 197 2.44 -26.36 5.35
CA GLN A 197 1.06 -26.37 4.94
C GLN A 197 0.19 -25.76 6.03
N THR A 198 -0.32 -24.56 5.76
CA THR A 198 -1.13 -23.85 6.73
C THR A 198 -2.44 -23.41 6.07
N LYS A 199 -3.45 -23.14 6.88
CA LYS A 199 -4.72 -22.70 6.32
C LYS A 199 -4.53 -21.35 5.64
N LEU A 200 -3.88 -20.43 6.35
CA LEU A 200 -3.67 -19.07 5.88
C LEU A 200 -2.25 -18.70 5.47
N HIS B 1 10.00 13.13 -22.73
CA HIS B 1 9.00 14.20 -23.02
C HIS B 1 8.02 14.45 -21.87
N MET B 2 7.79 15.72 -21.55
CA MET B 2 6.87 16.12 -20.47
C MET B 2 5.45 15.82 -20.92
N PRO B 3 4.79 14.83 -20.28
CA PRO B 3 3.42 14.45 -20.64
C PRO B 3 2.31 15.33 -20.15
N ASN B 4 1.13 15.10 -20.70
CA ASN B 4 -0.06 15.82 -20.31
C ASN B 4 -0.61 15.06 -19.11
N TYR B 5 -0.73 15.75 -17.98
CA TYR B 5 -1.25 15.12 -16.77
C TYR B 5 -2.60 15.67 -16.36
N LYS B 6 -3.55 14.77 -16.15
CA LYS B 6 -4.88 15.14 -15.70
C LYS B 6 -5.20 14.28 -14.47
N LEU B 7 -5.31 14.92 -13.31
CA LEU B 7 -5.64 14.24 -12.07
C LEU B 7 -7.13 14.34 -11.78
N THR B 8 -7.78 13.20 -11.58
CA THR B 8 -9.21 13.20 -11.27
C THR B 8 -9.49 12.68 -9.86
N TYR B 9 -10.17 13.53 -9.08
CA TYR B 9 -10.54 13.17 -7.71
C TYR B 9 -11.68 14.08 -7.26
N PHE B 10 -12.16 13.82 -6.04
CA PHE B 10 -13.21 14.63 -5.43
C PHE B 10 -12.59 15.97 -5.03
N ASN B 11 -13.44 16.95 -4.72
CA ASN B 11 -12.92 18.23 -4.29
C ASN B 11 -12.57 18.14 -2.81
N MET B 12 -11.37 17.66 -2.55
CA MET B 12 -10.80 17.52 -1.21
C MET B 12 -9.34 17.11 -1.37
N ARG B 13 -8.58 17.26 -0.29
CA ARG B 13 -7.18 16.87 -0.26
C ARG B 13 -7.19 15.33 -0.39
N GLY B 14 -7.70 14.67 0.65
CA GLY B 14 -7.80 13.22 0.64
C GLY B 14 -6.64 12.46 0.04
N ARG B 15 -6.96 11.43 -0.76
CA ARG B 15 -5.94 10.57 -1.37
C ARG B 15 -5.25 11.15 -2.59
N ALA B 16 -5.74 12.28 -3.09
CA ALA B 16 -5.11 12.90 -4.25
C ALA B 16 -4.00 13.87 -3.81
N GLU B 17 -4.06 14.34 -2.58
CA GLU B 17 -3.13 15.33 -2.11
C GLU B 17 -1.63 15.00 -2.24
N ILE B 18 -1.24 13.75 -2.01
CA ILE B 18 0.19 13.41 -2.11
C ILE B 18 0.64 13.68 -3.56
N ILE B 19 -0.21 13.37 -4.53
CA ILE B 19 0.13 13.60 -5.93
C ILE B 19 0.26 15.10 -6.17
N ARG B 20 -0.66 15.88 -5.62
CA ARG B 20 -0.60 17.32 -5.80
C ARG B 20 0.64 17.92 -5.17
N TYR B 21 1.11 17.37 -4.04
CA TYR B 21 2.33 17.90 -3.43
C TYR B 21 3.53 17.61 -4.34
N ILE B 22 3.55 16.42 -4.93
CA ILE B 22 4.66 16.04 -5.80
C ILE B 22 4.74 16.92 -7.04
N PHE B 23 3.58 17.17 -7.64
CA PHE B 23 3.50 18.02 -8.84
C PHE B 23 3.99 19.42 -8.46
N ALA B 24 3.59 19.92 -7.29
CA ALA B 24 4.02 21.25 -6.87
C ALA B 24 5.52 21.29 -6.64
N TYR B 25 6.05 20.31 -5.91
CA TYR B 25 7.48 20.27 -5.62
C TYR B 25 8.31 20.22 -6.90
N LEU B 26 7.88 19.41 -7.86
CA LEU B 26 8.62 19.27 -9.10
C LEU B 26 8.21 20.29 -10.18
N ASP B 27 7.37 21.25 -9.81
CA ASP B 27 6.89 22.28 -10.74
C ASP B 27 6.39 21.66 -12.06
N ILE B 28 5.48 20.71 -11.92
CA ILE B 28 4.91 20.01 -13.05
C ILE B 28 3.49 20.50 -13.31
N GLN B 29 3.23 20.89 -14.55
CA GLN B 29 1.91 21.38 -14.92
C GLN B 29 0.94 20.22 -15.00
N TYR B 30 -0.26 20.41 -14.46
CA TYR B 30 -1.28 19.37 -14.51
C TYR B 30 -2.67 19.97 -14.36
N GLU B 31 -3.67 19.19 -14.76
CA GLU B 31 -5.05 19.61 -14.64
C GLU B 31 -5.58 18.98 -13.36
N ASP B 32 -5.99 19.82 -12.42
CA ASP B 32 -6.52 19.39 -11.12
C ASP B 32 -8.02 19.28 -11.24
N HIS B 33 -8.47 18.16 -11.80
CA HIS B 33 -9.88 17.91 -12.04
C HIS B 33 -10.59 17.41 -10.80
N ARG B 34 -11.45 18.26 -10.25
CA ARG B 34 -12.22 17.93 -9.07
C ARG B 34 -13.65 17.75 -9.52
N ILE B 35 -14.16 16.54 -9.38
CA ILE B 35 -15.53 16.24 -9.80
C ILE B 35 -16.59 16.48 -8.73
N GLU B 36 -17.84 16.47 -9.15
CA GLU B 36 -18.94 16.62 -8.20
C GLU B 36 -19.62 15.26 -8.15
N GLN B 37 -20.20 14.90 -7.00
CA GLN B 37 -20.89 13.62 -6.82
C GLN B 37 -21.76 13.30 -8.03
N ALA B 38 -22.36 14.33 -8.62
CA ALA B 38 -23.25 14.18 -9.76
C ALA B 38 -22.62 13.50 -10.96
N ASP B 39 -21.36 13.83 -11.25
CA ASP B 39 -20.67 13.26 -12.40
C ASP B 39 -19.95 11.95 -12.08
N TRP B 40 -19.87 11.59 -10.80
CA TRP B 40 -19.17 10.36 -10.40
C TRP B 40 -19.71 9.06 -11.02
N PRO B 41 -21.04 8.81 -10.94
CA PRO B 41 -21.53 7.57 -11.55
C PRO B 41 -20.96 7.31 -12.93
N GLU B 42 -21.01 8.32 -13.80
CA GLU B 42 -20.49 8.19 -15.15
C GLU B 42 -18.99 7.95 -15.17
N ILE B 43 -18.25 8.80 -14.46
CA ILE B 43 -16.80 8.62 -14.46
C ILE B 43 -16.42 7.27 -13.89
N LYS B 44 -17.06 6.90 -12.78
CA LYS B 44 -16.78 5.61 -12.11
C LYS B 44 -16.87 4.41 -13.04
N SER B 45 -17.94 4.40 -13.83
CA SER B 45 -18.22 3.32 -14.78
C SER B 45 -17.18 3.11 -15.87
N THR B 46 -16.33 4.11 -16.12
CA THR B 46 -15.31 3.98 -17.17
C THR B 46 -13.92 3.65 -16.63
N LEU B 47 -13.79 3.53 -15.32
CA LEU B 47 -12.48 3.23 -14.75
C LEU B 47 -12.23 1.74 -14.52
N PRO B 48 -11.10 1.22 -15.03
CA PRO B 48 -10.77 -0.20 -14.84
C PRO B 48 -11.07 -0.73 -13.41
N PHE B 49 -10.75 0.00 -12.35
CA PHE B 49 -11.06 -0.50 -11.01
C PHE B 49 -12.09 0.31 -10.21
N GLY B 50 -12.73 1.26 -10.88
CA GLY B 50 -13.78 2.05 -10.26
C GLY B 50 -13.51 2.89 -9.02
N LYS B 51 -12.26 3.27 -8.81
CA LYS B 51 -11.89 4.09 -7.66
C LYS B 51 -11.01 5.25 -8.09
N ILE B 52 -11.04 6.33 -7.32
CA ILE B 52 -10.18 7.46 -7.62
C ILE B 52 -9.31 7.65 -6.38
N PRO B 53 -8.25 8.44 -6.49
CA PRO B 53 -7.84 9.15 -7.71
C PRO B 53 -7.29 8.29 -8.84
N ILE B 54 -7.27 8.90 -10.02
CA ILE B 54 -6.67 8.28 -11.18
C ILE B 54 -5.90 9.45 -11.79
N LEU B 55 -4.84 9.13 -12.53
CA LEU B 55 -4.07 10.16 -13.19
C LEU B 55 -3.96 9.70 -14.64
N GLU B 56 -4.40 10.54 -15.55
CA GLU B 56 -4.33 10.20 -16.96
C GLU B 56 -3.03 10.81 -17.46
N VAL B 57 -2.17 9.96 -18.01
CA VAL B 57 -0.87 10.36 -18.54
C VAL B 57 -0.99 10.20 -20.06
N ASP B 58 -1.04 11.32 -20.76
CA ASP B 58 -1.19 11.32 -22.21
C ASP B 58 -2.34 10.41 -22.59
N GLY B 59 -3.42 10.48 -21.82
CA GLY B 59 -4.60 9.69 -22.08
C GLY B 59 -4.65 8.29 -21.49
N LEU B 60 -3.52 7.77 -21.01
CA LEU B 60 -3.46 6.44 -20.41
C LEU B 60 -3.80 6.60 -18.94
N THR B 61 -4.77 5.85 -18.47
CA THR B 61 -5.22 5.99 -17.10
C THR B 61 -4.45 5.18 -16.07
N LEU B 62 -3.89 5.86 -15.07
CA LEU B 62 -3.18 5.19 -13.97
C LEU B 62 -4.05 5.28 -12.73
N HIS B 63 -3.97 4.28 -11.85
CA HIS B 63 -4.76 4.31 -10.62
C HIS B 63 -3.89 3.99 -9.38
N GLN B 64 -4.50 4.06 -8.21
CA GLN B 64 -3.83 3.82 -6.91
C GLN B 64 -2.91 5.01 -6.59
N SER B 65 -3.36 5.83 -5.66
CA SER B 65 -2.65 7.05 -5.29
C SER B 65 -1.16 6.91 -4.95
N LEU B 66 -0.78 5.87 -4.23
CA LEU B 66 0.65 5.74 -3.87
C LEU B 66 1.48 5.14 -5.00
N ALA B 67 0.85 4.34 -5.86
CA ALA B 67 1.54 3.77 -7.03
C ALA B 67 1.88 4.95 -7.95
N ILE B 68 0.92 5.86 -8.11
CA ILE B 68 1.10 7.05 -8.96
C ILE B 68 2.17 7.95 -8.37
N ALA B 69 2.06 8.22 -7.07
CA ALA B 69 3.03 9.05 -6.38
C ALA B 69 4.47 8.50 -6.55
N ARG B 70 4.64 7.18 -6.42
CA ARG B 70 5.97 6.58 -6.57
C ARG B 70 6.48 6.73 -7.99
N TYR B 71 5.57 6.58 -8.94
CA TYR B 71 5.91 6.71 -10.37
C TYR B 71 6.43 8.12 -10.67
N LEU B 72 5.74 9.12 -10.15
CA LEU B 72 6.13 10.53 -10.37
C LEU B 72 7.43 10.90 -9.66
N THR B 73 7.76 10.21 -8.56
CA THR B 73 8.98 10.53 -7.86
C THR B 73 10.18 9.68 -8.30
N LYS B 74 9.97 8.70 -9.18
CA LYS B 74 11.09 7.88 -9.65
C LYS B 74 12.12 8.79 -10.31
N ASN B 75 13.38 8.59 -9.96
CA ASN B 75 14.47 9.37 -10.53
C ASN B 75 14.49 10.82 -10.04
N THR B 76 13.77 11.12 -8.97
CA THR B 76 13.80 12.47 -8.42
C THR B 76 14.39 12.40 -7.01
N ASP B 77 14.68 13.57 -6.45
CA ASP B 77 15.26 13.66 -5.11
C ASP B 77 14.24 13.36 -4.00
N LEU B 78 13.00 13.03 -4.37
CA LEU B 78 11.97 12.68 -3.38
C LEU B 78 11.88 11.18 -3.14
N ALA B 79 12.49 10.38 -4.00
CA ALA B 79 12.38 8.92 -3.89
C ALA B 79 13.19 8.23 -2.79
N GLY B 80 14.32 8.82 -2.44
CA GLY B 80 15.23 8.19 -1.48
C GLY B 80 16.46 8.07 -2.36
N ASN B 81 17.66 8.31 -1.81
CA ASN B 81 18.86 8.26 -2.64
C ASN B 81 19.33 6.86 -3.01
N THR B 82 19.19 5.92 -2.09
CA THR B 82 19.61 4.56 -2.36
C THR B 82 18.40 3.62 -2.45
N GLU B 83 18.65 2.41 -2.96
CA GLU B 83 17.59 1.41 -3.09
C GLU B 83 17.04 1.12 -1.70
N MET B 84 17.94 1.05 -0.72
CA MET B 84 17.54 0.80 0.65
C MET B 84 16.70 1.97 1.19
N GLU B 85 17.14 3.19 0.92
CA GLU B 85 16.40 4.35 1.41
C GLU B 85 15.00 4.35 0.78
N GLN B 86 14.92 3.92 -0.48
CA GLN B 86 13.64 3.86 -1.18
C GLN B 86 12.73 2.85 -0.48
N CYS B 87 13.32 1.78 0.03
CA CYS B 87 12.52 0.80 0.75
C CYS B 87 12.00 1.45 2.04
N HIS B 88 12.85 2.18 2.75
CA HIS B 88 12.44 2.83 3.99
C HIS B 88 11.32 3.83 3.71
N VAL B 89 11.45 4.57 2.61
CA VAL B 89 10.42 5.55 2.24
C VAL B 89 9.10 4.84 1.96
N ASP B 90 9.16 3.78 1.15
CA ASP B 90 7.96 2.99 0.80
C ASP B 90 7.30 2.41 2.04
N ALA B 91 8.13 2.00 2.99
CA ALA B 91 7.62 1.42 4.25
C ALA B 91 6.88 2.42 5.13
N ILE B 92 7.46 3.59 5.36
CA ILE B 92 6.80 4.62 6.15
C ILE B 92 5.50 5.01 5.44
N VAL B 93 5.55 5.16 4.12
CA VAL B 93 4.35 5.51 3.38
C VAL B 93 3.21 4.49 3.59
N ASP B 94 3.52 3.20 3.52
CA ASP B 94 2.49 2.19 3.72
C ASP B 94 2.07 2.09 5.20
N THR B 95 2.97 2.44 6.13
CA THR B 95 2.58 2.39 7.54
C THR B 95 1.54 3.48 7.81
N LEU B 96 1.77 4.65 7.23
CA LEU B 96 0.82 5.75 7.37
C LEU B 96 -0.48 5.38 6.63
N ASP B 97 -0.36 4.91 5.39
CA ASP B 97 -1.59 4.58 4.64
C ASP B 97 -2.41 3.49 5.32
N ASP B 98 -1.74 2.50 5.88
CA ASP B 98 -2.42 1.40 6.56
C ASP B 98 -3.33 1.98 7.62
N PHE B 99 -2.78 2.89 8.43
CA PHE B 99 -3.57 3.48 9.48
C PHE B 99 -4.73 4.30 8.95
N MET B 100 -4.45 5.17 7.98
CA MET B 100 -5.50 6.01 7.43
C MET B 100 -6.61 5.15 6.85
N SER B 101 -6.24 4.00 6.29
CA SER B 101 -7.24 3.12 5.67
C SER B 101 -8.09 2.35 6.69
N CYS B 102 -7.71 2.42 7.97
CA CYS B 102 -8.47 1.73 9.01
C CYS B 102 -9.76 2.47 9.36
N PHE B 103 -9.82 3.75 9.04
CA PHE B 103 -11.01 4.53 9.35
C PHE B 103 -12.13 4.21 8.37
N PRO B 104 -13.34 3.98 8.89
CA PRO B 104 -14.46 3.68 7.96
C PRO B 104 -15.01 5.02 7.45
N TRP B 105 -14.37 5.57 6.42
CA TRP B 105 -14.78 6.87 5.89
C TRP B 105 -16.20 6.92 5.33
N ALA B 106 -16.70 5.81 4.79
CA ALA B 106 -18.05 5.83 4.23
C ALA B 106 -19.12 6.16 5.30
N GLU B 107 -19.06 5.43 6.41
CA GLU B 107 -20.01 5.57 7.52
C GLU B 107 -20.90 6.82 7.51
N LYS B 108 -22.21 6.57 7.63
CA LYS B 108 -23.21 7.63 7.63
C LYS B 108 -23.80 7.82 9.03
N LYS B 109 -23.65 6.80 9.88
CA LYS B 109 -24.16 6.84 11.24
C LYS B 109 -23.24 7.66 12.13
N GLN B 110 -23.42 8.98 12.08
CA GLN B 110 -22.65 9.95 12.84
C GLN B 110 -22.14 9.47 14.21
N ASP B 111 -22.99 8.75 14.93
CA ASP B 111 -22.60 8.24 16.24
C ASP B 111 -21.64 7.04 16.11
N VAL B 112 -22.15 5.92 15.57
CA VAL B 112 -21.36 4.71 15.38
C VAL B 112 -20.14 4.90 14.46
N LYS B 113 -20.11 6.03 13.78
CA LYS B 113 -19.01 6.36 12.90
C LYS B 113 -17.99 6.97 13.83
N GLU B 114 -18.48 7.89 14.65
CA GLU B 114 -17.68 8.60 15.63
C GLU B 114 -17.24 7.67 16.75
N GLN B 115 -17.61 6.39 16.66
CA GLN B 115 -17.22 5.42 17.68
C GLN B 115 -16.02 4.63 17.16
N MET B 116 -16.07 4.28 15.88
CA MET B 116 -14.99 3.55 15.24
C MET B 116 -13.85 4.57 15.10
N PHE B 117 -14.22 5.80 14.79
CA PHE B 117 -13.26 6.90 14.64
C PHE B 117 -12.68 7.21 16.01
N ASN B 118 -13.55 7.31 17.01
CA ASN B 118 -13.12 7.64 18.37
C ASN B 118 -12.16 6.64 18.96
N GLU B 119 -12.41 5.36 18.71
CA GLU B 119 -11.53 4.30 19.20
C GLU B 119 -10.16 4.43 18.54
N LEU B 120 -10.15 4.55 17.21
CA LEU B 120 -8.89 4.67 16.48
C LEU B 120 -8.05 5.87 16.92
N LEU B 121 -8.71 7.03 17.02
CA LEU B 121 -8.02 8.25 17.40
C LEU B 121 -7.54 8.26 18.85
N THR B 122 -8.36 7.74 19.74
CA THR B 122 -8.03 7.75 21.17
C THR B 122 -7.10 6.63 21.61
N TYR B 123 -7.36 5.43 21.10
CA TYR B 123 -6.60 4.25 21.48
C TYR B 123 -5.44 3.80 20.60
N ASN B 124 -5.51 4.09 19.30
CA ASN B 124 -4.47 3.65 18.37
C ASN B 124 -3.54 4.72 17.82
N ALA B 125 -4.08 5.88 17.47
CA ALA B 125 -3.25 6.93 16.91
C ALA B 125 -2.03 7.30 17.76
N PRO B 126 -2.21 7.52 19.07
CA PRO B 126 -1.06 7.87 19.91
C PRO B 126 0.09 6.85 19.85
N HIS B 127 -0.24 5.57 19.71
CA HIS B 127 0.76 4.49 19.61
C HIS B 127 1.55 4.67 18.32
N LEU B 128 0.84 4.92 17.21
CA LEU B 128 1.49 5.14 15.93
C LEU B 128 2.35 6.42 15.98
N MET B 129 1.86 7.47 16.62
CA MET B 129 2.66 8.71 16.67
C MET B 129 3.97 8.44 17.41
N GLN B 130 3.88 7.66 18.48
CA GLN B 130 5.06 7.32 19.26
C GLN B 130 6.06 6.57 18.39
N ASP B 131 5.58 5.56 17.66
CA ASP B 131 6.48 4.78 16.82
C ASP B 131 7.11 5.65 15.73
N LEU B 132 6.34 6.62 15.21
CA LEU B 132 6.87 7.47 14.14
C LEU B 132 7.97 8.36 14.70
N ASP B 133 7.73 8.90 15.91
CA ASP B 133 8.71 9.76 16.59
C ASP B 133 9.97 8.93 16.88
N THR B 134 9.76 7.71 17.36
CA THR B 134 10.89 6.86 17.66
C THR B 134 11.70 6.59 16.38
N TYR B 135 11.00 6.36 15.28
CA TYR B 135 11.63 6.08 13.99
C TYR B 135 12.46 7.26 13.52
N LEU B 136 11.89 8.46 13.64
CA LEU B 136 12.55 9.69 13.23
C LEU B 136 13.84 9.81 14.05
N GLY B 137 13.78 9.35 15.30
CA GLY B 137 14.95 9.34 16.17
C GLY B 137 15.77 10.60 16.29
N GLY B 138 15.12 11.75 16.41
CA GLY B 138 15.82 13.02 16.55
C GLY B 138 16.39 13.57 15.24
N ARG B 139 16.28 12.82 14.14
CA ARG B 139 16.80 13.27 12.85
C ARG B 139 15.91 14.32 12.22
N GLU B 140 16.41 14.98 11.17
CA GLU B 140 15.67 16.04 10.51
C GLU B 140 14.53 15.58 9.60
N TRP B 141 14.72 14.44 8.94
CA TRP B 141 13.69 13.91 8.03
C TRP B 141 13.46 12.44 8.34
N LEU B 142 12.31 11.90 7.94
CA LEU B 142 12.00 10.51 8.24
C LEU B 142 13.02 9.51 7.70
N ILE B 143 13.52 9.75 6.49
CA ILE B 143 14.50 8.87 5.85
C ILE B 143 15.69 9.64 5.29
N GLY B 144 16.91 9.20 5.61
CA GLY B 144 18.09 9.87 5.08
C GLY B 144 18.33 11.29 5.55
N ASN B 145 19.01 12.08 4.74
CA ASN B 145 19.35 13.46 5.12
C ASN B 145 18.64 14.58 4.40
N SER B 146 17.60 14.26 3.65
CA SER B 146 16.86 15.29 2.96
C SER B 146 15.42 14.81 2.83
N VAL B 147 14.53 15.73 2.50
CA VAL B 147 13.12 15.41 2.36
C VAL B 147 12.81 14.34 1.32
N THR B 148 11.80 13.50 1.61
CA THR B 148 11.36 12.48 0.65
C THR B 148 9.85 12.58 0.62
N TRP B 149 9.20 11.83 -0.26
CA TRP B 149 7.75 11.94 -0.29
C TRP B 149 7.10 11.26 0.94
N ALA B 150 7.89 10.53 1.73
CA ALA B 150 7.35 9.96 2.97
C ALA B 150 7.07 11.12 3.92
N ASP B 151 7.95 12.11 3.93
CA ASP B 151 7.75 13.29 4.78
C ASP B 151 6.50 14.05 4.31
N PHE B 152 6.31 14.15 2.98
CA PHE B 152 5.14 14.83 2.44
C PHE B 152 3.89 14.08 2.94
N TYR B 153 3.91 12.75 2.83
CA TYR B 153 2.75 11.96 3.24
C TYR B 153 2.52 12.05 4.75
N TRP B 154 3.59 12.16 5.53
CA TRP B 154 3.44 12.30 6.98
C TRP B 154 2.66 13.59 7.24
N GLU B 155 3.08 14.68 6.61
CA GLU B 155 2.42 15.97 6.84
C GLU B 155 0.95 15.93 6.41
N ILE B 156 0.69 15.29 5.28
CA ILE B 156 -0.67 15.16 4.74
C ILE B 156 -1.56 14.32 5.66
N CYS B 157 -1.07 13.15 6.07
CA CYS B 157 -1.86 12.28 6.93
C CYS B 157 -2.09 12.88 8.30
N SER B 158 -1.05 13.49 8.86
CA SER B 158 -1.19 14.11 10.19
C SER B 158 -2.17 15.30 10.09
N THR B 159 -2.12 16.07 9.01
CA THR B 159 -3.09 17.16 8.90
C THR B 159 -4.52 16.60 9.00
N THR B 160 -4.81 15.52 8.27
CA THR B 160 -6.13 14.91 8.34
C THR B 160 -6.49 14.44 9.76
N LEU B 161 -5.57 13.75 10.42
CA LEU B 161 -5.84 13.27 11.76
C LEU B 161 -6.09 14.43 12.71
N LEU B 162 -5.33 15.51 12.54
CA LEU B 162 -5.44 16.70 13.39
C LEU B 162 -6.83 17.34 13.31
N VAL B 163 -7.49 17.19 12.16
CA VAL B 163 -8.84 17.74 12.01
C VAL B 163 -9.77 17.14 13.07
N PHE B 164 -9.62 15.84 13.32
CA PHE B 164 -10.45 15.11 14.29
C PHE B 164 -9.89 15.02 15.71
N LYS B 165 -8.58 15.20 15.85
CA LYS B 165 -7.91 15.10 17.14
C LYS B 165 -6.81 16.15 17.23
N PRO B 166 -7.19 17.38 17.62
CA PRO B 166 -6.24 18.47 17.71
C PRO B 166 -5.07 18.26 18.66
N ASP B 167 -5.20 17.34 19.62
CA ASP B 167 -4.11 17.09 20.56
C ASP B 167 -3.20 15.93 20.13
N LEU B 168 -3.38 15.51 18.87
CA LEU B 168 -2.60 14.41 18.30
C LEU B 168 -1.11 14.42 18.61
N LEU B 169 -0.48 15.59 18.47
CA LEU B 169 0.95 15.69 18.67
C LEU B 169 1.40 16.49 19.89
N ASP B 170 0.53 16.60 20.88
CA ASP B 170 0.86 17.35 22.09
C ASP B 170 2.05 16.77 22.84
N ASN B 171 2.30 15.47 22.67
CA ASN B 171 3.43 14.79 23.31
C ASN B 171 4.57 14.52 22.32
N HIS B 172 4.51 15.13 21.14
CA HIS B 172 5.52 14.91 20.12
C HIS B 172 5.95 16.19 19.39
N PRO B 173 6.64 17.08 20.12
CA PRO B 173 7.10 18.34 19.53
C PRO B 173 7.96 18.11 18.29
N ARG B 174 8.74 17.02 18.27
CA ARG B 174 9.60 16.75 17.13
C ARG B 174 8.77 16.41 15.88
N LEU B 175 7.59 15.85 16.07
CA LEU B 175 6.73 15.52 14.94
C LEU B 175 6.10 16.82 14.44
N VAL B 176 5.81 17.74 15.37
CA VAL B 176 5.26 19.04 14.97
C VAL B 176 6.33 19.79 14.15
N THR B 177 7.57 19.76 14.62
CA THR B 177 8.68 20.41 13.92
C THR B 177 8.84 19.86 12.50
N LEU B 178 8.72 18.54 12.35
CA LEU B 178 8.83 17.95 11.01
C LEU B 178 7.67 18.43 10.09
N ARG B 179 6.47 18.53 10.65
CA ARG B 179 5.32 19.04 9.87
C ARG B 179 5.62 20.46 9.38
N LYS B 180 6.11 21.31 10.27
CA LYS B 180 6.41 22.68 9.90
C LYS B 180 7.51 22.78 8.87
N LYS B 181 8.50 21.89 8.97
CA LYS B 181 9.63 21.86 8.06
C LYS B 181 9.12 21.53 6.65
N VAL B 182 8.22 20.56 6.56
CA VAL B 182 7.66 20.19 5.26
C VAL B 182 6.86 21.37 4.72
N GLN B 183 6.03 21.95 5.57
CA GLN B 183 5.19 23.08 5.20
C GLN B 183 5.98 24.32 4.78
N ALA B 184 7.25 24.38 5.18
CA ALA B 184 8.11 25.51 4.84
C ALA B 184 8.81 25.39 3.50
N ILE B 185 8.89 24.17 2.96
CA ILE B 185 9.53 23.97 1.67
C ILE B 185 8.83 24.94 0.70
N PRO B 186 9.58 25.85 0.06
CA PRO B 186 8.94 26.82 -0.84
C PRO B 186 7.81 26.32 -1.73
N ALA B 187 8.06 25.31 -2.55
CA ALA B 187 7.01 24.82 -3.45
C ALA B 187 5.81 24.26 -2.71
N VAL B 188 6.04 23.63 -1.57
CA VAL B 188 4.94 23.08 -0.79
C VAL B 188 4.16 24.19 -0.10
N ALA B 189 4.88 25.17 0.45
CA ALA B 189 4.25 26.31 1.11
C ALA B 189 3.34 27.05 0.12
N ASN B 190 3.83 27.19 -1.10
CA ASN B 190 3.07 27.87 -2.15
C ASN B 190 1.81 27.09 -2.50
N TRP B 191 1.92 25.76 -2.50
CA TRP B 191 0.73 24.95 -2.79
C TRP B 191 -0.25 25.01 -1.64
N ILE B 192 0.26 24.98 -0.41
CA ILE B 192 -0.63 25.04 0.75
C ILE B 192 -1.42 26.35 0.80
N LYS B 193 -0.79 27.47 0.44
CA LYS B 193 -1.51 28.73 0.49
C LYS B 193 -2.54 28.89 -0.63
N ARG B 194 -2.28 28.23 -1.76
CA ARG B 194 -3.16 28.35 -2.93
C ARG B 194 -4.24 27.29 -3.13
N ARG B 195 -4.05 26.10 -2.59
CA ARG B 195 -5.04 25.04 -2.79
C ARG B 195 -6.44 25.34 -2.26
N PRO B 196 -7.47 24.73 -2.90
CA PRO B 196 -8.84 24.94 -2.46
C PRO B 196 -8.94 24.54 -1.00
N GLN B 197 -9.62 25.35 -0.20
CA GLN B 197 -9.76 25.02 1.20
C GLN B 197 -10.96 24.12 1.36
N THR B 198 -10.70 22.89 1.82
CA THR B 198 -11.73 21.90 2.04
C THR B 198 -11.47 21.34 3.43
N LYS B 199 -12.45 20.67 4.02
CA LYS B 199 -12.29 20.11 5.36
C LYS B 199 -11.28 18.96 5.37
N LEU B 200 -11.41 18.06 4.42
CA LEU B 200 -10.52 16.91 4.33
C LEU B 200 -9.70 16.83 3.02
N1 GSH C . 0.67 -3.61 5.57
CA1 GSH C . 1.50 -4.27 6.53
C1 GSH C . 2.42 -5.22 5.90
O11 GSH C . 1.98 -5.74 4.72
O12 GSH C . 3.56 -5.63 6.33
CB1 GSH C . 0.70 -4.84 7.67
CG1 GSH C . 1.50 -5.53 8.77
CD1 GSH C . 0.52 -6.19 9.71
OE1 GSH C . -0.60 -5.50 10.09
N2 GSH C . 0.83 -7.36 10.26
CA2 GSH C . 0.05 -7.98 11.33
C2 GSH C . 0.59 -7.61 12.68
O2 GSH C . 1.95 -7.54 12.89
CB2 GSH C . 0.20 -9.51 11.23
SG2 GSH C . -0.64 -10.22 9.81
N3 GSH C . -0.28 -7.35 13.62
CA3 GSH C . -0.21 -7.96 14.92
C3 GSH C . -0.34 -6.88 15.95
O31 GSH C . -0.67 -5.67 15.59
O32 GSH C . -0.09 -7.16 17.31
MG MG D . -1.50 -0.31 1.05
C1 7PQ E . -2.66 -12.43 6.79
C2 7PQ E . -2.80 -12.60 8.18
C3 7PQ E . -3.99 -13.17 8.72
C4 7PQ E . -5.02 -13.57 7.84
C5 7PQ E . -4.89 -13.39 6.45
C6 7PQ E . -3.72 -12.83 5.90
C7 7PQ E . -3.55 -12.64 4.40
C8 7PQ E . -4.15 -13.37 10.19
O9 7PQ E . -3.33 -12.89 10.98
N10 7PQ E . -5.22 -14.06 10.66
C11 7PQ E . -5.21 -14.75 11.95
C12 7PQ E . -6.58 -15.42 12.17
N13 7PQ E . -6.64 -16.12 13.46
C14 7PQ E . -7.79 -17.07 13.38
C15 7PQ E . -8.08 -17.67 14.78
O16 7PQ E . -8.38 -16.61 15.71
C17 7PQ E . -7.21 -15.78 15.87
C18 7PQ E . -6.89 -15.10 14.52
C19 7PQ E . -3.37 -11.31 3.79
C20 7PQ E . -3.18 -11.19 2.34
C21 7PQ E . -3.19 -12.35 1.53
C22 7PQ E . -3.37 -13.59 2.10
C23 7PQ E . -3.54 -13.77 3.50
C24 7PQ E . -3.38 -10.09 4.57
C25 7PQ E . -3.20 -8.86 3.94
C26 7PQ E . -3.00 -8.78 2.56
C27 7PQ E . -2.99 -9.91 1.76
C28 7PQ E . -3.71 -15.18 4.04
N29 7PQ E . -3.07 -16.17 3.20
N1 GSH F . -5.78 2.71 -1.99
CA1 GSH F . -6.53 3.39 -3.00
C1 GSH F . -5.85 4.61 -3.44
O11 GSH F . -5.95 5.18 -4.56
O12 GSH F . -5.04 5.19 -2.52
CB1 GSH F . -7.97 3.59 -2.64
CG1 GSH F . -8.87 4.21 -3.72
CD1 GSH F . -10.18 4.52 -3.06
OE1 GSH F . -10.76 3.63 -2.21
N2 GSH F . -10.81 5.64 -3.42
CA2 GSH F . -12.15 5.97 -2.98
C2 GSH F . -13.20 5.59 -3.99
O2 GSH F . -12.97 5.73 -5.33
CB2 GSH F . -12.22 7.50 -2.80
SG2 GSH F . -11.20 8.11 -1.44
N3 GSH F . -14.34 5.13 -3.52
CA3 GSH F . -15.59 5.66 -4.04
C3 GSH F . -16.24 4.54 -4.79
O31 GSH F . -17.36 4.79 -5.60
O32 GSH F . -15.74 3.34 -4.67
#